data_8AIE
#
_entry.id   8AIE
#
_cell.length_a   61.968
_cell.length_b   90.028
_cell.length_c   100.290
_cell.angle_alpha   90.000
_cell.angle_beta   90.000
_cell.angle_gamma   90.000
#
_symmetry.space_group_name_H-M   'P 21 21 21'
#
loop_
_entity.id
_entity.type
_entity.pdbx_description
1 polymer 'Aminotransferase class IV'
2 non-polymer '[5-hydroxy-6-methyl-4-({[(4E)-3-oxo-1,2-oxazolidin-4-ylidene]amino}methyl)pyridin-3-yl]methyl dihydrogen phosphate'
3 non-polymer "4'-DEOXY-4'-AMINOPYRIDOXAL-5'-PHOSPHATE"
4 non-polymer '3-azanyloxy-2-[(~{E})-[2-methyl-3-oxidanyl-5-(phosphonooxymethyl)pyridin-4-yl]methylideneamino]propanoic acid'
5 water water
#
_entity_poly.entity_id   1
_entity_poly.type   'polypeptide(L)'
_entity_poly.pdbx_seq_one_letter_code
;GHMNLCYIDGKFLPLEEAKLPVTDLIIQRGVGVFETISTHSRRPLMLTPHLKRLEGSATASSIVMPATLDEMARIIREGI
KKMGCETMVRPYITGGDSFGKDHLFSSSRYFVIFEEIRKPDPILYEKGVALHPINAERYLPSTKSINYMLSFTGQRDSKG
AYEILYCPEGEIVEGSHSTFFLIKNGHLITAPTSRALSGTTRQIVLELARRGNIQVEERCPLLTELPEAEEAFITGTVKE
LLPVVRIGDQIIGNGVPGKLTKHLHQVYLSSIVEWLE
;
_entity_poly.pdbx_strand_id   A,B
#
loop_
_chem_comp.id
_chem_comp.type
_chem_comp.name
_chem_comp.formula
LCS non-polymer '[5-hydroxy-6-methyl-4-({[(4E)-3-oxo-1,2-oxazolidin-4-ylidene]amino}methyl)pyridin-3-yl]methyl dihydrogen phosphate' 'C11 H14 N3 O7 P'
M7L non-polymer '3-azanyloxy-2-[(~{E})-[2-methyl-3-oxidanyl-5-(phosphonooxymethyl)pyridin-4-yl]methylideneamino]propanoic acid' 'C11 H16 N3 O8 P'
PMP non-polymer 4'-DEOXY-4'-AMINOPYRIDOXAL-5'-PHOSPHATE 'C8 H13 N2 O5 P'
#
# COMPACT_ATOMS: atom_id res chain seq x y z
N HIS A 2 -27.60 16.50 -5.25
CA HIS A 2 -27.48 15.44 -6.30
C HIS A 2 -27.00 14.09 -5.71
N MET A 3 -27.36 13.00 -6.37
CA MET A 3 -26.81 11.63 -6.17
C MET A 3 -25.31 11.59 -6.55
N ASN A 4 -24.52 10.75 -5.89
CA ASN A 4 -23.09 10.52 -6.22
C ASN A 4 -22.94 9.76 -7.54
N LEU A 5 -21.92 10.11 -8.32
CA LEU A 5 -21.64 9.56 -9.67
C LEU A 5 -20.23 8.93 -9.74
N CYS A 6 -20.06 8.02 -10.69
CA CYS A 6 -18.74 7.50 -11.11
C CYS A 6 -18.69 7.48 -12.64
N TYR A 7 -17.72 8.16 -13.23
CA TYR A 7 -17.44 8.05 -14.67
C TYR A 7 -16.52 6.85 -14.89
N ILE A 8 -17.02 5.87 -15.61
CA ILE A 8 -16.26 4.63 -15.90
C ILE A 8 -16.73 4.08 -17.26
N ASP A 9 -15.81 3.62 -18.11
CA ASP A 9 -16.14 3.02 -19.44
C ASP A 9 -17.02 3.97 -20.22
N GLY A 10 -16.67 5.25 -20.27
CA GLY A 10 -17.33 6.22 -21.15
C GLY A 10 -18.66 6.73 -20.65
N LYS A 11 -19.20 6.22 -19.54
CA LYS A 11 -20.56 6.61 -19.05
C LYS A 11 -20.43 7.22 -17.66
N PHE A 12 -21.21 8.24 -17.34
CA PHE A 12 -21.51 8.61 -15.92
C PHE A 12 -22.54 7.60 -15.42
N LEU A 13 -22.27 6.96 -14.29
CA LEU A 13 -23.11 5.92 -13.66
C LEU A 13 -23.46 6.41 -12.26
N PRO A 14 -24.56 5.96 -11.66
CA PRO A 14 -24.72 6.09 -10.22
C PRO A 14 -23.50 5.45 -9.53
N LEU A 15 -22.90 6.14 -8.57
CA LEU A 15 -21.66 5.66 -7.89
C LEU A 15 -21.86 4.22 -7.42
N GLU A 16 -23.04 3.87 -6.92
CA GLU A 16 -23.26 2.58 -6.23
C GLU A 16 -23.34 1.46 -7.29
N GLU A 17 -23.46 1.78 -8.59
CA GLU A 17 -23.59 0.74 -9.66
C GLU A 17 -22.24 0.45 -10.34
N ALA A 18 -21.28 1.36 -10.22
CA ALA A 18 -19.97 1.24 -10.91
C ALA A 18 -19.15 0.13 -10.26
N LYS A 19 -18.53 -0.68 -11.08
CA LYS A 19 -17.79 -1.88 -10.66
C LYS A 19 -16.53 -1.98 -11.52
N LEU A 20 -15.48 -2.59 -10.96
CA LEU A 20 -14.16 -2.74 -11.60
C LEU A 20 -13.81 -4.21 -11.67
N PRO A 21 -13.20 -4.70 -12.79
CA PRO A 21 -12.86 -6.12 -12.92
C PRO A 21 -11.83 -6.53 -11.85
N VAL A 22 -12.01 -7.69 -11.24
CA VAL A 22 -11.07 -8.20 -10.20
C VAL A 22 -9.73 -8.57 -10.85
N THR A 23 -9.63 -8.63 -12.17
CA THR A 23 -8.32 -8.84 -12.86
C THR A 23 -7.42 -7.62 -12.61
N ASP A 24 -7.98 -6.45 -12.31
CA ASP A 24 -7.16 -5.22 -12.19
C ASP A 24 -6.23 -5.32 -10.99
N LEU A 25 -4.96 -5.07 -11.24
CA LEU A 25 -3.91 -5.09 -10.21
C LEU A 25 -4.09 -3.96 -9.18
N ILE A 26 -5.03 -3.03 -9.38
CA ILE A 26 -5.37 -2.09 -8.25
C ILE A 26 -5.94 -2.95 -7.11
N ILE A 27 -6.79 -3.88 -7.43
CA ILE A 27 -7.43 -4.81 -6.47
C ILE A 27 -6.42 -5.85 -5.99
N GLN A 28 -5.68 -6.47 -6.91
CA GLN A 28 -4.90 -7.68 -6.57
C GLN A 28 -3.62 -7.31 -5.81
N ARG A 29 -3.06 -6.14 -6.11
CA ARG A 29 -1.68 -5.77 -5.74
C ARG A 29 -1.59 -4.30 -5.32
N GLY A 30 -2.72 -3.58 -5.19
CA GLY A 30 -2.76 -2.20 -4.69
C GLY A 30 -2.09 -1.23 -5.67
N VAL A 31 -2.10 -1.55 -6.96
CA VAL A 31 -1.47 -0.70 -7.97
C VAL A 31 -2.49 0.32 -8.44
N GLY A 32 -2.45 1.51 -7.86
CA GLY A 32 -3.29 2.63 -8.33
C GLY A 32 -2.72 3.95 -7.82
N VAL A 33 -3.12 5.03 -8.48
CA VAL A 33 -2.83 6.41 -8.01
C VAL A 33 -4.14 7.16 -8.13
N PHE A 34 -4.29 8.20 -7.31
CA PHE A 34 -5.41 9.14 -7.44
C PHE A 34 -5.05 10.52 -6.91
N GLU A 35 -6.02 11.39 -7.07
CA GLU A 35 -6.06 12.77 -6.51
C GLU A 35 -7.46 12.99 -5.95
N THR A 36 -7.53 13.89 -4.99
CA THR A 36 -8.78 14.52 -4.52
C THR A 36 -8.76 16.00 -4.95
N ILE A 37 -9.83 16.39 -5.68
CA ILE A 37 -10.09 17.76 -6.21
C ILE A 37 -11.41 18.24 -5.58
N SER A 38 -11.42 19.41 -4.93
CA SER A 38 -12.63 19.98 -4.31
C SER A 38 -13.07 21.22 -5.09
N THR A 39 -14.31 21.63 -4.86
CA THR A 39 -14.94 22.81 -5.51
C THR A 39 -15.19 23.88 -4.45
N HIS A 40 -15.12 25.12 -4.87
CA HIS A 40 -15.67 26.30 -4.15
C HIS A 40 -16.49 27.01 -5.21
N SER A 41 -17.76 27.31 -4.93
CA SER A 41 -18.67 27.92 -5.94
C SER A 41 -18.72 27.02 -7.18
N ARG A 42 -18.67 25.69 -7.00
CA ARG A 42 -18.76 24.68 -8.09
C ARG A 42 -17.64 24.86 -9.13
N ARG A 43 -16.56 25.51 -8.76
CA ARG A 43 -15.37 25.51 -9.63
C ARG A 43 -14.32 24.63 -8.96
N PRO A 44 -13.62 23.77 -9.72
CA PRO A 44 -12.54 22.95 -9.14
C PRO A 44 -11.33 23.80 -8.70
N LEU A 45 -10.87 23.59 -7.46
CA LEU A 45 -9.64 24.25 -6.92
C LEU A 45 -8.39 23.50 -7.38
N MET A 46 -7.43 24.18 -7.96
CA MET A 46 -6.08 23.65 -8.31
C MET A 46 -6.22 22.44 -9.24
N LEU A 47 -7.19 22.49 -10.15
CA LEU A 47 -7.45 21.39 -11.12
C LEU A 47 -6.15 21.01 -11.85
N THR A 48 -5.42 21.96 -12.42
CA THR A 48 -4.25 21.66 -13.27
C THR A 48 -3.13 21.10 -12.38
N PRO A 49 -2.73 21.75 -11.27
CA PRO A 49 -1.76 21.13 -10.35
C PRO A 49 -2.12 19.70 -9.93
N HIS A 50 -3.39 19.45 -9.61
CA HIS A 50 -3.87 18.11 -9.20
C HIS A 50 -3.66 17.13 -10.35
N LEU A 51 -4.03 17.53 -11.58
CA LEU A 51 -3.92 16.61 -12.72
C LEU A 51 -2.46 16.42 -13.09
N LYS A 52 -1.63 17.44 -12.91
CA LYS A 52 -0.17 17.25 -13.17
C LYS A 52 0.40 16.28 -12.12
N ARG A 53 -0.10 16.33 -10.88
CA ARG A 53 0.41 15.48 -9.77
C ARG A 53 -0.06 14.06 -10.07
N LEU A 54 -1.28 13.92 -10.61
CA LEU A 54 -1.83 12.59 -10.95
C LEU A 54 -0.91 11.93 -11.98
N GLU A 55 -0.51 12.70 -12.96
CA GLU A 55 0.34 12.18 -14.07
C GLU A 55 1.70 11.84 -13.48
N GLY A 56 2.23 12.73 -12.62
CA GLY A 56 3.49 12.47 -11.92
C GLY A 56 3.44 11.16 -11.15
N SER A 57 2.33 10.90 -10.44
CA SER A 57 2.16 9.68 -9.64
C SER A 57 2.17 8.45 -10.56
N ALA A 58 1.43 8.52 -11.65
CA ALA A 58 1.30 7.40 -12.60
C ALA A 58 2.69 7.05 -13.18
N THR A 59 3.37 8.06 -13.70
CA THR A 59 4.71 7.94 -14.35
C THR A 59 5.74 7.40 -13.36
N ALA A 60 5.79 7.94 -12.14
CA ALA A 60 6.66 7.44 -11.04
C ALA A 60 6.35 5.96 -10.77
N SER A 61 5.11 5.51 -10.95
CA SER A 61 4.70 4.12 -10.65
C SER A 61 4.77 3.24 -11.90
N SER A 62 5.38 3.73 -12.99
CA SER A 62 5.55 2.95 -14.25
C SER A 62 4.18 2.57 -14.82
N ILE A 63 3.18 3.43 -14.61
CA ILE A 63 1.82 3.22 -15.18
C ILE A 63 1.69 4.16 -16.37
N VAL A 64 1.34 3.63 -17.54
CA VAL A 64 1.15 4.44 -18.78
C VAL A 64 -0.23 5.10 -18.65
N MET A 65 -0.29 6.42 -18.76
CA MET A 65 -1.53 7.18 -18.63
C MET A 65 -2.59 6.60 -19.56
N PRO A 66 -3.79 6.25 -19.06
CA PRO A 66 -4.84 5.72 -19.91
C PRO A 66 -5.68 6.78 -20.67
N ALA A 67 -5.51 8.05 -20.34
CA ALA A 67 -6.18 9.18 -20.99
C ALA A 67 -5.27 10.37 -20.89
N THR A 68 -5.46 11.36 -21.77
CA THR A 68 -4.72 12.64 -21.68
C THR A 68 -5.31 13.40 -20.50
N LEU A 69 -4.52 14.30 -19.92
CA LEU A 69 -4.97 15.25 -18.88
C LEU A 69 -6.12 16.10 -19.43
N ASP A 70 -6.05 16.54 -20.69
CA ASP A 70 -7.14 17.36 -21.27
C ASP A 70 -8.44 16.57 -21.20
N GLU A 71 -8.39 15.28 -21.56
CA GLU A 71 -9.58 14.39 -21.52
C GLU A 71 -10.08 14.27 -20.07
N MET A 72 -9.18 14.09 -19.10
CA MET A 72 -9.57 13.99 -17.66
C MET A 72 -10.22 15.29 -17.18
N ALA A 73 -9.62 16.41 -17.51
CA ALA A 73 -10.20 17.76 -17.24
C ALA A 73 -11.63 17.85 -17.82
N ARG A 74 -11.80 17.38 -19.07
CA ARG A 74 -13.12 17.32 -19.76
C ARG A 74 -14.10 16.54 -18.89
N ILE A 75 -13.75 15.32 -18.51
CA ILE A 75 -14.64 14.41 -17.74
C ILE A 75 -14.98 15.05 -16.39
N ILE A 76 -13.99 15.68 -15.76
CA ILE A 76 -14.16 16.28 -14.39
C ILE A 76 -15.12 17.46 -14.49
N ARG A 77 -14.91 18.38 -15.43
CA ARG A 77 -15.84 19.54 -15.57
C ARG A 77 -17.24 19.02 -15.87
N GLU A 78 -17.39 18.02 -16.73
CA GLU A 78 -18.75 17.58 -17.13
C GLU A 78 -19.43 16.98 -15.90
N GLY A 79 -18.71 16.20 -15.11
CA GLY A 79 -19.30 15.55 -13.91
C GLY A 79 -19.71 16.58 -12.88
N ILE A 80 -18.88 17.60 -12.67
CA ILE A 80 -19.23 18.71 -11.75
C ILE A 80 -20.54 19.35 -12.23
N LYS A 81 -20.66 19.67 -13.51
CA LYS A 81 -21.91 20.29 -14.05
C LYS A 81 -23.09 19.37 -13.73
N LYS A 82 -22.95 18.07 -14.01
CA LYS A 82 -23.98 17.05 -13.74
C LYS A 82 -24.33 17.02 -12.24
N MET A 83 -23.37 17.23 -11.34
CA MET A 83 -23.60 17.10 -9.88
C MET A 83 -24.47 18.26 -9.37
N GLY A 84 -24.29 19.47 -9.90
CA GLY A 84 -24.84 20.69 -9.31
C GLY A 84 -24.86 20.60 -7.78
N CYS A 85 -23.72 20.87 -7.14
CA CYS A 85 -23.51 21.06 -5.68
C CYS A 85 -22.01 21.13 -5.43
N GLU A 86 -21.53 21.55 -4.26
CA GLU A 86 -20.08 21.48 -3.93
C GLU A 86 -19.71 19.98 -3.95
N THR A 87 -18.63 19.65 -4.66
CA THR A 87 -18.28 18.26 -5.05
C THR A 87 -16.83 18.01 -4.63
N MET A 88 -16.56 16.81 -4.16
CA MET A 88 -15.19 16.25 -4.09
C MET A 88 -15.10 15.18 -5.19
N VAL A 89 -14.09 15.35 -6.03
CA VAL A 89 -13.84 14.59 -7.28
C VAL A 89 -12.56 13.81 -7.14
N ARG A 90 -12.61 12.47 -7.33
CA ARG A 90 -11.39 11.65 -7.27
C ARG A 90 -11.23 10.87 -8.56
N PRO A 91 -10.32 11.33 -9.42
CA PRO A 91 -9.86 10.52 -10.54
C PRO A 91 -8.84 9.47 -10.07
N TYR A 92 -9.03 8.23 -10.52
CA TYR A 92 -8.26 7.03 -10.13
C TYR A 92 -7.66 6.51 -11.43
N ILE A 93 -6.38 6.18 -11.39
CA ILE A 93 -5.68 5.48 -12.49
C ILE A 93 -5.23 4.13 -11.93
N THR A 94 -5.66 3.03 -12.57
CA THR A 94 -5.42 1.66 -12.08
C THR A 94 -4.22 1.08 -12.82
N GLY A 95 -3.59 0.09 -12.20
CA GLY A 95 -2.51 -0.67 -12.83
C GLY A 95 -3.04 -1.41 -14.03
N GLY A 96 -4.29 -1.85 -13.96
CA GLY A 96 -4.87 -2.68 -15.03
C GLY A 96 -4.39 -4.13 -14.88
N ASP A 97 -4.56 -4.94 -15.93
CA ASP A 97 -4.53 -6.41 -15.77
C ASP A 97 -3.10 -6.96 -15.77
N SER A 98 -2.12 -6.26 -16.28
CA SER A 98 -0.78 -6.87 -16.38
C SER A 98 0.33 -5.84 -16.28
N PHE A 99 1.42 -6.32 -15.71
CA PHE A 99 2.76 -5.72 -15.71
C PHE A 99 3.55 -6.41 -16.81
N GLY A 100 3.88 -5.69 -17.88
CA GLY A 100 4.47 -6.27 -19.11
C GLY A 100 5.93 -6.60 -18.89
N LYS A 101 6.56 -7.25 -19.88
CA LYS A 101 7.99 -7.67 -19.81
C LYS A 101 8.85 -6.40 -19.93
N ASP A 102 8.29 -5.30 -20.44
CA ASP A 102 8.93 -3.95 -20.50
C ASP A 102 8.80 -3.23 -19.15
N HIS A 103 8.23 -3.86 -18.13
CA HIS A 103 8.19 -3.30 -16.74
C HIS A 103 7.30 -2.03 -16.74
N LEU A 104 6.22 -2.02 -17.54
CA LEU A 104 5.19 -0.94 -17.52
C LEU A 104 3.80 -1.55 -17.33
N PHE A 105 2.88 -0.81 -16.70
CA PHE A 105 1.45 -1.17 -16.75
C PHE A 105 0.86 -0.42 -17.95
N SER A 106 0.57 -1.15 -19.03
CA SER A 106 0.24 -0.58 -20.36
C SER A 106 -1.23 -0.76 -20.68
N SER A 107 -2.05 -1.34 -19.78
CA SER A 107 -3.51 -1.50 -19.97
C SER A 107 -4.25 -0.92 -18.76
N SER A 108 -3.76 0.22 -18.29
CA SER A 108 -4.34 0.99 -17.17
C SER A 108 -5.82 1.24 -17.43
N ARG A 109 -6.66 1.18 -16.40
CA ARG A 109 -8.05 1.72 -16.46
C ARG A 109 -8.08 3.06 -15.72
N TYR A 110 -9.12 3.85 -15.95
CA TYR A 110 -9.37 5.08 -15.15
C TYR A 110 -10.85 5.18 -14.82
N PHE A 111 -11.11 5.86 -13.72
CA PHE A 111 -12.51 6.20 -13.36
C PHE A 111 -12.46 7.44 -12.49
N VAL A 112 -13.59 8.13 -12.41
CA VAL A 112 -13.63 9.40 -11.62
C VAL A 112 -14.87 9.34 -10.76
N ILE A 113 -14.68 9.42 -9.44
CA ILE A 113 -15.79 9.47 -8.46
C ILE A 113 -16.16 10.92 -8.21
N PHE A 114 -17.47 11.21 -8.23
CA PHE A 114 -18.00 12.55 -7.86
C PHE A 114 -18.91 12.38 -6.66
N GLU A 115 -18.57 13.01 -5.52
CA GLU A 115 -19.42 12.96 -4.31
C GLU A 115 -19.71 14.37 -3.80
N GLU A 116 -20.82 14.49 -3.06
CA GLU A 116 -21.18 15.76 -2.41
C GLU A 116 -20.10 15.96 -1.35
N ILE A 117 -19.56 17.16 -1.22
CA ILE A 117 -18.43 17.43 -0.29
C ILE A 117 -18.85 17.13 1.17
N ARG A 118 -18.04 16.43 1.95
CA ARG A 118 -18.21 16.33 3.44
C ARG A 118 -17.05 17.09 4.11
N LYS A 119 -17.25 18.36 4.46
CA LYS A 119 -16.28 19.17 5.26
C LYS A 119 -16.21 18.62 6.69
N PRO A 120 -15.06 18.67 7.36
CA PRO A 120 -15.04 18.34 8.78
C PRO A 120 -16.03 19.25 9.56
N ASP A 121 -16.60 18.70 10.62
CA ASP A 121 -17.62 19.35 11.48
C ASP A 121 -17.09 20.68 11.98
N PRO A 122 -17.84 21.81 11.93
CA PRO A 122 -17.37 23.08 12.51
C PRO A 122 -16.76 23.00 13.92
N ILE A 123 -17.21 22.08 14.78
CA ILE A 123 -16.65 21.91 16.15
C ILE A 123 -15.11 21.69 16.04
N LEU A 124 -14.64 20.90 15.05
CA LEU A 124 -13.21 20.52 14.90
C LEU A 124 -12.34 21.75 14.68
N TYR A 125 -12.84 22.72 13.92
CA TYR A 125 -12.11 23.97 13.62
C TYR A 125 -12.08 24.86 14.85
N GLU A 126 -13.08 24.71 15.72
CA GLU A 126 -13.25 25.51 16.94
C GLU A 126 -12.35 24.96 18.05
N LYS A 127 -12.33 23.62 18.23
CA LYS A 127 -11.59 22.95 19.32
C LYS A 127 -10.19 22.47 18.82
N GLY A 128 -10.01 22.28 17.52
CA GLY A 128 -8.81 21.63 16.94
C GLY A 128 -8.83 20.12 17.18
N VAL A 129 -7.82 19.42 16.67
CA VAL A 129 -7.79 17.93 16.77
C VAL A 129 -6.46 17.43 17.35
N ALA A 130 -6.44 16.15 17.69
CA ALA A 130 -5.29 15.42 18.21
C ALA A 130 -4.73 14.54 17.07
N LEU A 131 -3.41 14.45 17.01
CA LEU A 131 -2.72 13.54 16.08
C LEU A 131 -2.01 12.44 16.88
N HIS A 132 -1.95 11.24 16.30
CA HIS A 132 -1.20 10.09 16.90
C HIS A 132 0.12 9.90 16.16
N PRO A 133 1.29 10.18 16.78
CA PRO A 133 2.56 9.99 16.09
C PRO A 133 2.94 8.50 16.00
N ILE A 134 3.57 8.09 14.90
CA ILE A 134 4.08 6.69 14.77
C ILE A 134 5.46 6.74 14.12
N ASN A 135 6.30 5.76 14.39
CA ASN A 135 7.68 5.77 13.84
C ASN A 135 7.63 5.07 12.47
N ALA A 136 7.14 5.76 11.47
CA ALA A 136 7.00 5.25 10.09
C ALA A 136 7.07 6.42 9.12
N GLU A 137 7.10 6.08 7.84
CA GLU A 137 7.29 7.00 6.70
C GLU A 137 6.53 6.49 5.49
N ARG A 138 6.08 7.42 4.63
CA ARG A 138 5.61 7.09 3.27
C ARG A 138 6.88 6.97 2.43
N TYR A 139 7.10 5.83 1.76
CA TYR A 139 8.12 5.68 0.68
C TYR A 139 7.62 6.32 -0.62
N LEU A 140 8.53 6.82 -1.44
CA LEU A 140 8.21 7.47 -2.74
C LEU A 140 7.20 8.58 -2.46
N PRO A 141 7.55 9.54 -1.57
CA PRO A 141 6.52 10.38 -0.97
C PRO A 141 5.85 11.35 -1.93
N SER A 142 6.39 11.59 -3.12
CA SER A 142 5.76 12.54 -4.06
C SER A 142 4.67 11.84 -4.88
N THR A 143 4.65 10.51 -4.86
CA THR A 143 3.59 9.65 -5.46
C THR A 143 2.40 9.51 -4.51
N LYS A 144 1.20 9.82 -4.99
CA LYS A 144 -0.05 9.64 -4.20
C LYS A 144 -0.67 8.35 -4.72
N SER A 145 -0.32 7.23 -4.08
CA SER A 145 -0.89 5.89 -4.41
C SER A 145 -2.26 5.76 -3.72
N ILE A 146 -2.95 4.65 -3.98
CA ILE A 146 -4.22 4.34 -3.28
C ILE A 146 -3.98 3.74 -1.90
N ASN A 147 -2.74 3.51 -1.49
CA ASN A 147 -2.48 2.69 -0.27
C ASN A 147 -2.56 3.61 0.96
N TYR A 148 -3.74 3.66 1.55
CA TYR A 148 -4.03 4.39 2.80
C TYR A 148 -4.39 3.38 3.87
N MET A 149 -3.96 2.12 3.72
CA MET A 149 -4.46 1.07 4.64
C MET A 149 -3.96 1.37 6.07
N LEU A 150 -2.69 1.72 6.26
CA LEU A 150 -2.12 2.15 7.57
C LEU A 150 -2.99 3.23 8.23
N SER A 151 -3.51 4.16 7.44
CA SER A 151 -4.26 5.33 7.98
C SER A 151 -5.50 4.83 8.74
N PHE A 152 -6.03 3.65 8.37
CA PHE A 152 -7.20 3.03 9.06
C PHE A 152 -6.74 2.05 10.12
N THR A 153 -5.99 1.03 9.70
CA THR A 153 -5.63 -0.10 10.60
C THR A 153 -4.97 0.47 11.86
N GLY A 154 -4.24 1.59 11.70
CA GLY A 154 -3.46 2.25 12.79
C GLY A 154 -4.34 2.93 13.83
N GLN A 155 -5.64 3.11 13.55
CA GLN A 155 -6.56 3.81 14.48
C GLN A 155 -7.00 2.86 15.59
N ARG A 156 -6.59 1.58 15.57
CA ARG A 156 -6.74 0.70 16.74
C ARG A 156 -5.90 1.25 17.92
N ASP A 157 -4.71 1.82 17.70
CA ASP A 157 -3.83 2.21 18.84
C ASP A 157 -3.72 3.74 18.95
N SER A 158 -4.55 4.49 18.21
CA SER A 158 -4.43 5.96 18.04
C SER A 158 -5.31 6.74 19.02
N LYS A 159 -5.95 6.04 19.96
CA LYS A 159 -6.65 6.64 21.14
C LYS A 159 -7.64 7.71 20.68
N GLY A 160 -8.35 7.48 19.58
CA GLY A 160 -9.37 8.44 19.06
C GLY A 160 -8.76 9.67 18.38
N ALA A 161 -7.45 9.71 18.13
CA ALA A 161 -6.81 10.78 17.33
C ALA A 161 -7.54 10.95 15.99
N TYR A 162 -7.66 12.19 15.49
CA TYR A 162 -8.32 12.54 14.21
C TYR A 162 -7.52 11.89 13.09
N GLU A 163 -6.21 11.78 13.23
CA GLU A 163 -5.31 11.38 12.13
C GLU A 163 -3.95 10.99 12.70
N ILE A 164 -3.30 10.04 12.03
CA ILE A 164 -1.94 9.56 12.36
C ILE A 164 -0.91 10.54 11.77
N LEU A 165 0.23 10.69 12.45
CA LEU A 165 1.31 11.63 12.04
C LEU A 165 2.55 10.79 11.83
N TYR A 166 3.11 10.77 10.63
CA TYR A 166 4.33 10.02 10.30
C TYR A 166 5.52 10.74 10.91
N CYS A 167 6.20 10.12 11.86
CA CYS A 167 7.27 10.75 12.66
C CYS A 167 8.48 9.83 12.70
N PRO A 168 9.08 9.51 11.54
CA PRO A 168 10.20 8.55 11.48
C PRO A 168 11.42 9.07 12.24
N GLU A 169 11.94 8.30 13.21
CA GLU A 169 13.12 8.66 14.07
C GLU A 169 12.90 10.02 14.77
N GLY A 170 11.65 10.34 15.12
CA GLY A 170 11.31 11.58 15.84
C GLY A 170 11.25 12.82 14.96
N GLU A 171 11.33 12.68 13.64
CA GLU A 171 11.20 13.82 12.70
C GLU A 171 9.77 13.81 12.15
N ILE A 172 9.03 14.90 12.31
CA ILE A 172 7.63 14.98 11.82
C ILE A 172 7.69 15.22 10.32
N VAL A 173 7.05 14.37 9.52
CA VAL A 173 7.00 14.58 8.05
C VAL A 173 5.61 15.10 7.65
N GLU A 174 4.59 14.24 7.73
CA GLU A 174 3.21 14.61 7.35
C GLU A 174 2.19 13.68 8.02
N GLY A 175 0.92 14.06 7.92
CA GLY A 175 -0.22 13.27 8.38
C GLY A 175 -0.51 12.16 7.39
N SER A 176 -1.28 11.18 7.79
CA SER A 176 -1.76 10.10 6.90
C SER A 176 -2.63 10.68 5.78
N HIS A 177 -3.27 11.84 5.97
CA HIS A 177 -4.21 12.44 4.99
CA HIS A 177 -4.21 12.45 4.98
C HIS A 177 -3.94 13.95 4.82
N SER A 178 -2.79 14.47 5.27
CA SER A 178 -2.56 15.93 5.45
C SER A 178 -1.09 16.29 5.37
N THR A 179 -0.84 17.57 5.03
CA THR A 179 0.41 18.30 5.30
C THR A 179 0.39 18.79 6.73
N PHE A 180 1.50 18.68 7.44
CA PHE A 180 1.59 19.17 8.83
C PHE A 180 2.45 20.44 8.89
N PHE A 181 1.93 21.44 9.58
CA PHE A 181 2.62 22.73 9.84
C PHE A 181 2.78 22.93 11.35
N LEU A 182 3.96 23.35 11.79
CA LEU A 182 4.19 23.85 13.17
C LEU A 182 4.35 25.36 13.12
N ILE A 183 3.99 26.02 14.20
CA ILE A 183 4.20 27.49 14.34
C ILE A 183 5.04 27.71 15.59
N LYS A 184 6.23 28.32 15.40
CA LYS A 184 7.18 28.72 16.47
C LYS A 184 7.59 30.17 16.22
N ASN A 185 7.51 31.01 17.24
CA ASN A 185 7.93 32.43 17.12
C ASN A 185 7.31 33.07 15.90
N GLY A 186 6.02 32.86 15.68
CA GLY A 186 5.27 33.51 14.59
C GLY A 186 5.70 33.08 13.20
N HIS A 187 6.51 32.04 13.03
CA HIS A 187 6.78 31.56 11.65
C HIS A 187 6.44 30.07 11.52
N LEU A 188 6.36 29.66 10.28
CA LEU A 188 5.81 28.34 9.86
C LEU A 188 6.99 27.39 9.66
N ILE A 189 6.85 26.14 10.15
CA ILE A 189 7.79 25.03 9.93
C ILE A 189 7.03 23.89 9.28
N THR A 190 7.50 23.36 8.16
CA THR A 190 6.84 22.23 7.46
C THR A 190 7.92 21.43 6.72
N ALA A 191 7.75 20.11 6.65
CA ALA A 191 8.77 19.21 6.06
C ALA A 191 8.89 19.51 4.57
N PRO A 192 10.10 19.40 4.03
CA PRO A 192 10.33 19.65 2.60
C PRO A 192 9.68 18.52 1.79
N THR A 193 9.37 18.79 0.51
CA THR A 193 8.69 17.82 -0.37
C THR A 193 9.68 16.74 -0.83
N SER A 194 10.92 16.72 -0.37
CA SER A 194 11.76 15.51 -0.46
C SER A 194 11.20 14.41 0.45
N ARG A 195 10.45 14.76 1.50
CA ARG A 195 9.94 13.79 2.51
C ARG A 195 8.42 13.67 2.48
N ALA A 196 7.72 14.73 2.07
CA ALA A 196 6.23 14.84 2.16
C ALA A 196 5.63 15.07 0.78
N LEU A 197 4.37 14.68 0.64
CA LEU A 197 3.60 14.95 -0.58
C LEU A 197 3.61 16.46 -0.84
N SER A 198 3.73 16.85 -2.11
CA SER A 198 3.67 18.28 -2.55
C SER A 198 2.22 18.73 -2.52
N GLY A 199 1.68 18.94 -1.32
CA GLY A 199 0.27 19.32 -1.09
C GLY A 199 -0.09 20.54 -1.91
N THR A 200 -1.26 20.55 -2.54
CA THR A 200 -1.78 21.76 -3.23
C THR A 200 -2.14 22.80 -2.16
N THR A 201 -2.74 22.38 -1.04
CA THR A 201 -3.11 23.28 0.08
C THR A 201 -1.83 23.87 0.65
N ARG A 202 -0.84 23.00 0.83
CA ARG A 202 0.49 23.37 1.32
C ARG A 202 1.06 24.47 0.44
N GLN A 203 0.95 24.29 -0.88
CA GLN A 203 1.52 25.25 -1.84
C GLN A 203 0.82 26.62 -1.71
N ILE A 204 -0.50 26.65 -1.63
CA ILE A 204 -1.26 27.90 -1.39
C ILE A 204 -0.83 28.53 -0.07
N VAL A 205 -0.78 27.80 1.02
CA VAL A 205 -0.35 28.36 2.36
C VAL A 205 1.06 28.98 2.27
N LEU A 206 2.02 28.36 1.59
CA LEU A 206 3.38 28.97 1.47
C LEU A 206 3.29 30.29 0.68
N GLU A 207 2.42 30.38 -0.33
CA GLU A 207 2.24 31.64 -1.10
C GLU A 207 1.58 32.65 -0.18
N LEU A 208 0.55 32.26 0.56
CA LEU A 208 -0.08 33.17 1.54
C LEU A 208 0.97 33.66 2.56
N ALA A 209 1.90 32.81 2.99
CA ALA A 209 2.96 33.21 3.94
C ALA A 209 3.88 34.22 3.28
N ARG A 210 4.25 33.98 2.02
CA ARG A 210 5.16 34.87 1.29
C ARG A 210 4.50 36.26 1.22
N ARG A 211 3.25 36.32 0.77
CA ARG A 211 2.44 37.56 0.71
C ARG A 211 2.39 38.28 2.06
N GLY A 212 2.30 37.55 3.18
CA GLY A 212 2.15 38.16 4.52
C GLY A 212 3.48 38.39 5.21
N ASN A 213 4.60 38.11 4.55
CA ASN A 213 5.94 38.25 5.16
C ASN A 213 6.09 37.30 6.33
N ILE A 214 5.57 36.08 6.25
CA ILE A 214 5.72 35.09 7.35
C ILE A 214 6.81 34.14 6.90
N GLN A 215 7.84 33.99 7.73
CA GLN A 215 8.98 33.10 7.45
C GLN A 215 8.45 31.66 7.41
N VAL A 216 8.89 30.91 6.39
CA VAL A 216 8.70 29.44 6.29
C VAL A 216 10.08 28.80 6.38
N GLU A 217 10.25 27.86 7.31
CA GLU A 217 11.37 26.89 7.28
C GLU A 217 10.87 25.55 6.76
N GLU A 218 11.37 25.17 5.59
CA GLU A 218 11.15 23.85 4.98
C GLU A 218 12.15 22.89 5.60
N ARG A 219 11.88 22.46 6.83
CA ARG A 219 12.60 21.35 7.51
C ARG A 219 11.59 20.52 8.31
N CYS A 220 11.92 19.29 8.69
CA CYS A 220 11.00 18.44 9.51
C CYS A 220 10.95 19.06 10.89
N PRO A 221 9.77 19.46 11.43
CA PRO A 221 9.69 19.82 12.84
C PRO A 221 10.02 18.54 13.62
N LEU A 222 10.55 18.66 14.84
CA LEU A 222 10.91 17.49 15.70
C LEU A 222 9.87 17.32 16.82
N LEU A 223 9.51 16.08 17.14
CA LEU A 223 8.70 15.79 18.35
C LEU A 223 9.29 16.54 19.55
N THR A 224 10.62 16.70 19.61
CA THR A 224 11.27 17.29 20.81
C THR A 224 11.10 18.80 20.82
N GLU A 225 10.78 19.44 19.71
CA GLU A 225 10.50 20.90 19.71
C GLU A 225 9.06 21.20 20.15
N LEU A 226 8.18 20.20 20.23
CA LEU A 226 6.73 20.50 20.35
C LEU A 226 6.41 21.28 21.64
N PRO A 227 7.07 21.00 22.79
CA PRO A 227 6.83 21.80 24.00
C PRO A 227 7.06 23.31 23.87
N GLU A 228 7.90 23.76 22.93
CA GLU A 228 8.20 25.20 22.71
C GLU A 228 7.29 25.78 21.62
N ALA A 229 6.45 24.97 20.96
CA ALA A 229 5.62 25.45 19.83
C ALA A 229 4.42 26.25 20.37
N GLU A 230 3.98 27.22 19.58
CA GLU A 230 2.77 28.04 19.88
C GLU A 230 1.54 27.40 19.23
N GLU A 231 1.63 26.89 18.01
CA GLU A 231 0.44 26.38 17.29
C GLU A 231 0.89 25.28 16.32
N ALA A 232 -0.10 24.64 15.74
CA ALA A 232 0.11 23.59 14.73
C ALA A 232 -1.19 23.45 13.97
N PHE A 233 -1.12 23.06 12.71
CA PHE A 233 -2.33 22.74 11.93
C PHE A 233 -1.96 21.78 10.83
N ILE A 234 -2.98 21.14 10.27
CA ILE A 234 -2.80 20.26 9.08
C ILE A 234 -3.64 20.79 7.93
N THR A 235 -3.20 20.51 6.69
CA THR A 235 -3.85 21.03 5.47
C THR A 235 -4.19 19.89 4.51
N GLY A 236 -5.27 20.09 3.76
CA GLY A 236 -5.76 19.20 2.71
C GLY A 236 -6.88 19.84 1.92
N THR A 237 -7.13 19.35 0.72
CA THR A 237 -8.15 19.90 -0.22
C THR A 237 -9.48 20.15 0.54
N VAL A 238 -9.99 19.16 1.23
CA VAL A 238 -11.37 19.23 1.80
C VAL A 238 -11.28 19.89 3.18
N LYS A 239 -10.27 19.53 3.98
CA LYS A 239 -10.19 20.04 5.37
C LYS A 239 -9.76 21.52 5.43
N GLU A 240 -9.17 22.07 4.39
CA GLU A 240 -8.57 23.44 4.38
C GLU A 240 -7.43 23.48 5.39
N LEU A 241 -7.49 24.37 6.38
CA LEU A 241 -6.56 24.41 7.53
C LEU A 241 -7.33 23.98 8.76
N LEU A 242 -6.92 22.87 9.38
CA LEU A 242 -7.53 22.30 10.61
C LEU A 242 -6.54 22.43 11.76
N PRO A 243 -6.83 23.17 12.87
CA PRO A 243 -5.87 23.32 13.96
C PRO A 243 -5.60 21.97 14.62
N VAL A 244 -4.34 21.81 15.06
CA VAL A 244 -3.88 20.67 15.87
C VAL A 244 -3.50 21.17 17.26
N VAL A 245 -4.21 20.69 18.30
CA VAL A 245 -3.98 21.11 19.69
C VAL A 245 -3.25 20.03 20.50
N ARG A 246 -3.04 18.84 19.97
CA ARG A 246 -2.35 17.77 20.73
C ARG A 246 -1.68 16.81 19.74
N ILE A 247 -0.44 16.46 20.04
CA ILE A 247 0.28 15.40 19.30
C ILE A 247 0.74 14.39 20.33
N GLY A 248 0.23 13.17 20.25
CA GLY A 248 0.44 12.13 21.28
C GLY A 248 -0.09 12.64 22.61
N ASP A 249 0.78 12.71 23.63
CA ASP A 249 0.46 13.20 25.00
C ASP A 249 0.93 14.65 25.14
N GLN A 250 1.40 15.30 24.06
CA GLN A 250 1.97 16.67 24.17
C GLN A 250 0.90 17.68 23.76
N ILE A 251 0.51 18.58 24.67
CA ILE A 251 -0.41 19.70 24.31
C ILE A 251 0.38 20.70 23.45
N ILE A 252 -0.25 21.26 22.42
CA ILE A 252 0.40 22.32 21.59
C ILE A 252 -0.03 23.67 22.14
N GLY A 253 0.93 24.49 22.54
CA GLY A 253 0.67 25.84 23.13
C GLY A 253 -0.29 25.70 24.31
N ASN A 254 -1.35 26.50 24.24
N ASN A 254 -1.35 26.48 24.40
CA ASN A 254 -2.46 26.67 25.24
CA ASN A 254 -2.30 26.31 25.54
C ASN A 254 -3.55 25.60 25.02
C ASN A 254 -3.55 25.54 25.08
N GLY A 255 -3.43 24.71 24.03
CA GLY A 255 -4.40 23.62 23.78
C GLY A 255 -5.66 24.10 23.07
N VAL A 256 -5.69 25.32 22.53
CA VAL A 256 -6.83 25.77 21.66
C VAL A 256 -6.25 26.27 20.35
N PRO A 257 -7.04 26.39 19.26
CA PRO A 257 -6.53 26.96 18.02
C PRO A 257 -5.91 28.34 18.23
N GLY A 258 -4.81 28.65 17.54
CA GLY A 258 -4.03 29.88 17.72
C GLY A 258 -4.44 30.96 16.75
N LYS A 259 -3.85 32.15 16.97
CA LYS A 259 -4.16 33.38 16.24
C LYS A 259 -3.61 33.27 14.81
N LEU A 260 -2.39 32.75 14.62
CA LEU A 260 -1.84 32.69 13.23
C LEU A 260 -2.56 31.61 12.39
N THR A 261 -2.92 30.47 12.97
CA THR A 261 -3.69 29.43 12.25
C THR A 261 -4.99 30.07 11.73
N LYS A 262 -5.76 30.70 12.61
CA LYS A 262 -7.09 31.29 12.28
C LYS A 262 -6.92 32.39 11.22
N HIS A 263 -5.83 33.16 11.29
CA HIS A 263 -5.51 34.22 10.33
C HIS A 263 -5.27 33.59 8.95
N LEU A 264 -4.44 32.55 8.87
CA LEU A 264 -4.13 31.94 7.56
C LEU A 264 -5.40 31.31 6.98
N HIS A 265 -6.26 30.76 7.83
CA HIS A 265 -7.50 30.11 7.35
C HIS A 265 -8.43 31.19 6.74
N GLN A 266 -8.54 32.38 7.36
CA GLN A 266 -9.40 33.48 6.84
C GLN A 266 -8.78 33.99 5.53
N VAL A 267 -7.47 34.14 5.44
CA VAL A 267 -6.83 34.62 4.19
C VAL A 267 -6.99 33.54 3.12
N TYR A 268 -6.91 32.27 3.51
CA TYR A 268 -7.11 31.14 2.59
C TYR A 268 -8.49 31.32 1.95
N LEU A 269 -9.53 31.40 2.76
CA LEU A 269 -10.94 31.46 2.28
C LEU A 269 -11.17 32.78 1.53
N SER A 270 -10.54 33.90 1.93
CA SER A 270 -10.65 35.18 1.20
C SER A 270 -9.93 35.11 -0.14
N SER A 271 -8.94 34.25 -0.32
CA SER A 271 -8.02 34.30 -1.49
C SER A 271 -8.36 33.20 -2.51
N ILE A 272 -9.18 32.22 -2.11
CA ILE A 272 -9.29 30.88 -2.76
C ILE A 272 -9.58 31.01 -4.28
N VAL A 273 -10.35 32.04 -4.64
CA VAL A 273 -10.86 32.26 -6.01
C VAL A 273 -9.67 32.32 -6.97
N GLU A 274 -8.52 32.87 -6.59
CA GLU A 274 -7.37 32.98 -7.54
C GLU A 274 -6.96 31.58 -8.08
N TRP A 275 -7.24 30.47 -7.40
CA TRP A 275 -6.76 29.14 -7.88
C TRP A 275 -7.92 28.26 -8.35
N LEU A 276 -9.12 28.81 -8.49
CA LEU A 276 -10.24 28.08 -9.13
C LEU A 276 -9.97 28.05 -10.63
N GLU A 277 -10.38 26.97 -11.30
CA GLU A 277 -10.31 26.83 -12.77
C GLU A 277 -11.72 26.49 -13.31
N MET B 3 -9.98 -23.23 -17.70
CA MET B 3 -10.15 -21.74 -17.75
C MET B 3 -10.12 -21.17 -16.32
N ASN B 4 -9.49 -20.03 -16.13
CA ASN B 4 -9.37 -19.36 -14.78
C ASN B 4 -10.72 -18.87 -14.28
N LEU B 5 -10.92 -18.95 -12.96
CA LEU B 5 -12.22 -18.73 -12.26
C LEU B 5 -12.05 -17.71 -11.13
N CYS B 6 -13.16 -17.08 -10.78
CA CYS B 6 -13.28 -16.24 -9.56
C CYS B 6 -14.59 -16.58 -8.88
N TYR B 7 -14.54 -17.05 -7.64
CA TYR B 7 -15.73 -17.21 -6.79
C TYR B 7 -16.08 -15.87 -6.14
N ILE B 8 -17.25 -15.34 -6.45
CA ILE B 8 -17.73 -14.05 -5.88
C ILE B 8 -19.27 -14.07 -5.84
N ASP B 9 -19.86 -13.57 -4.75
CA ASP B 9 -21.35 -13.51 -4.58
C ASP B 9 -21.94 -14.90 -4.81
N GLY B 10 -21.35 -15.94 -4.22
CA GLY B 10 -21.93 -17.29 -4.21
C GLY B 10 -21.80 -18.03 -5.52
N LYS B 11 -21.15 -17.50 -6.56
CA LYS B 11 -21.04 -18.20 -7.87
C LYS B 11 -19.56 -18.29 -8.26
N PHE B 12 -19.10 -19.38 -8.86
CA PHE B 12 -17.87 -19.40 -9.69
C PHE B 12 -18.20 -18.72 -11.03
N LEU B 13 -17.42 -17.73 -11.43
CA LEU B 13 -17.54 -16.97 -12.70
C LEU B 13 -16.24 -17.22 -13.47
N PRO B 14 -16.24 -17.04 -14.80
CA PRO B 14 -14.97 -16.87 -15.52
C PRO B 14 -14.24 -15.67 -14.87
N LEU B 15 -12.95 -15.85 -14.57
CA LEU B 15 -12.12 -14.83 -13.88
C LEU B 15 -12.32 -13.47 -14.56
N GLU B 16 -12.40 -13.43 -15.89
CA GLU B 16 -12.36 -12.14 -16.63
C GLU B 16 -13.71 -11.42 -16.48
N GLU B 17 -14.76 -12.06 -15.97
CA GLU B 17 -16.11 -11.46 -15.86
C GLU B 17 -16.36 -10.92 -14.45
N ALA B 18 -15.65 -11.37 -13.43
CA ALA B 18 -15.92 -11.02 -12.03
C ALA B 18 -15.53 -9.54 -11.80
N LYS B 19 -16.38 -8.83 -11.10
CA LYS B 19 -16.24 -7.37 -10.91
C LYS B 19 -16.55 -7.04 -9.45
N LEU B 20 -15.95 -5.95 -8.96
CA LEU B 20 -16.06 -5.47 -7.57
C LEU B 20 -16.56 -4.04 -7.58
N PRO B 21 -17.51 -3.65 -6.71
CA PRO B 21 -18.04 -2.28 -6.70
C PRO B 21 -16.95 -1.26 -6.32
N VAL B 22 -16.88 -0.15 -7.03
CA VAL B 22 -15.80 0.86 -6.82
C VAL B 22 -16.00 1.53 -5.46
N THR B 23 -17.11 1.31 -4.76
CA THR B 23 -17.30 1.83 -3.37
C THR B 23 -16.32 1.12 -2.43
N ASP B 24 -15.84 -0.06 -2.79
CA ASP B 24 -15.05 -0.89 -1.83
C ASP B 24 -13.73 -0.18 -1.56
N LEU B 25 -13.39 -0.08 -0.28
CA LEU B 25 -12.17 0.62 0.17
C LEU B 25 -10.93 -0.19 -0.20
N ILE B 26 -11.06 -1.43 -0.70
CA ILE B 26 -9.86 -2.10 -1.27
C ILE B 26 -9.40 -1.27 -2.49
N ILE B 27 -10.34 -0.83 -3.29
CA ILE B 27 -10.07 0.01 -4.50
C ILE B 27 -9.71 1.43 -4.07
N GLN B 28 -10.51 2.03 -3.20
CA GLN B 28 -10.38 3.49 -2.91
C GLN B 28 -9.16 3.77 -2.03
N ARG B 29 -8.77 2.84 -1.16
CA ARG B 29 -7.79 3.13 -0.09
C ARG B 29 -6.87 1.95 0.19
N GLY B 30 -6.89 0.89 -0.63
CA GLY B 30 -5.99 -0.26 -0.51
C GLY B 30 -6.27 -1.10 0.70
N VAL B 31 -7.50 -1.11 1.19
CA VAL B 31 -7.85 -1.91 2.39
C VAL B 31 -8.23 -3.33 1.93
N GLY B 32 -7.29 -4.26 2.06
CA GLY B 32 -7.51 -5.67 1.74
C GLY B 32 -6.41 -6.52 2.27
N VAL B 33 -6.72 -7.80 2.50
CA VAL B 33 -5.70 -8.82 2.80
C VAL B 33 -5.98 -10.02 1.88
N PHE B 34 -4.98 -10.86 1.68
CA PHE B 34 -5.14 -12.11 0.94
C PHE B 34 -4.06 -13.11 1.34
N GLU B 35 -4.18 -14.27 0.71
CA GLU B 35 -3.22 -15.38 0.79
C GLU B 35 -3.10 -15.96 -0.60
N THR B 36 -1.94 -16.55 -0.87
CA THR B 36 -1.65 -17.40 -2.02
C THR B 36 -1.49 -18.83 -1.51
N ILE B 37 -2.28 -19.74 -2.09
CA ILE B 37 -2.31 -21.21 -1.77
C ILE B 37 -2.04 -21.95 -3.07
N SER B 38 -1.02 -22.82 -3.11
CA SER B 38 -0.76 -23.65 -4.31
C SER B 38 -1.10 -25.13 -4.06
N THR B 39 -1.19 -25.91 -5.15
CA THR B 39 -1.53 -27.36 -5.13
C THR B 39 -0.35 -28.18 -5.58
N HIS B 40 -0.26 -29.40 -5.07
CA HIS B 40 0.59 -30.49 -5.61
C HIS B 40 -0.33 -31.70 -5.67
N SER B 41 -0.40 -32.37 -6.83
CA SER B 41 -1.33 -33.51 -7.04
C SER B 41 -2.76 -33.06 -6.73
N ARG B 42 -3.10 -31.81 -7.02
CA ARG B 42 -4.44 -31.18 -6.82
C ARG B 42 -4.80 -31.08 -5.35
N ARG B 43 -3.87 -31.21 -4.43
CA ARG B 43 -4.21 -30.94 -3.02
C ARG B 43 -3.56 -29.62 -2.62
N PRO B 44 -4.29 -28.75 -1.90
CA PRO B 44 -3.72 -27.51 -1.38
C PRO B 44 -2.64 -27.77 -0.31
N LEU B 45 -1.45 -27.23 -0.51
CA LEU B 45 -0.32 -27.26 0.46
C LEU B 45 -0.53 -26.24 1.58
N MET B 46 -0.46 -26.66 2.85
CA MET B 46 -0.52 -25.75 4.02
C MET B 46 -1.83 -24.94 4.00
N LEU B 47 -2.94 -25.55 3.55
CA LEU B 47 -4.27 -24.88 3.51
C LEU B 47 -4.60 -24.25 4.86
N THR B 48 -4.48 -24.99 5.95
CA THR B 48 -4.95 -24.49 7.27
C THR B 48 -4.02 -23.36 7.74
N PRO B 49 -2.68 -23.52 7.75
CA PRO B 49 -1.77 -22.39 8.01
C PRO B 49 -2.06 -21.13 7.20
N HIS B 50 -2.32 -21.29 5.90
CA HIS B 50 -2.67 -20.16 5.00
C HIS B 50 -3.94 -19.49 5.50
N LEU B 51 -4.98 -20.27 5.78
CA LEU B 51 -6.28 -19.67 6.14
C LEU B 51 -6.16 -19.06 7.55
N LYS B 52 -5.32 -19.63 8.42
CA LYS B 52 -5.12 -19.01 9.76
C LYS B 52 -4.40 -17.68 9.59
N ARG B 53 -3.48 -17.58 8.62
CA ARG B 53 -2.70 -16.35 8.37
C ARG B 53 -3.66 -15.32 7.77
N LEU B 54 -4.61 -15.76 6.95
CA LEU B 54 -5.62 -14.84 6.35
C LEU B 54 -6.46 -14.20 7.45
N GLU B 55 -6.87 -15.04 8.42
CA GLU B 55 -7.71 -14.54 9.55
C GLU B 55 -6.83 -13.58 10.37
N GLY B 56 -5.57 -13.97 10.62
CA GLY B 56 -4.61 -13.13 11.34
C GLY B 56 -4.49 -11.76 10.69
N SER B 57 -4.35 -11.75 9.35
CA SER B 57 -4.19 -10.48 8.59
C SER B 57 -5.45 -9.62 8.73
N ALA B 58 -6.61 -10.22 8.59
CA ALA B 58 -7.91 -9.51 8.65
C ALA B 58 -8.09 -8.86 10.02
N THR B 59 -7.94 -9.65 11.08
CA THR B 59 -8.09 -9.29 12.51
C THR B 59 -7.11 -8.14 12.84
N ALA B 60 -5.83 -8.26 12.50
CA ALA B 60 -4.78 -7.21 12.64
C ALA B 60 -5.17 -5.92 11.92
N SER B 61 -5.97 -6.02 10.87
CA SER B 61 -6.36 -4.86 10.03
C SER B 61 -7.75 -4.40 10.41
N SER B 62 -8.33 -4.90 11.50
CA SER B 62 -9.65 -4.45 12.02
C SER B 62 -10.73 -4.74 11.00
N ILE B 63 -10.55 -5.82 10.23
CA ILE B 63 -11.55 -6.28 9.23
C ILE B 63 -12.27 -7.47 9.82
N VAL B 64 -13.61 -7.41 9.91
CA VAL B 64 -14.37 -8.56 10.47
C VAL B 64 -14.52 -9.57 9.34
N MET B 65 -14.20 -10.82 9.63
CA MET B 65 -14.26 -11.91 8.63
C MET B 65 -15.63 -11.94 7.99
N PRO B 66 -15.73 -11.87 6.65
CA PRO B 66 -17.04 -11.98 6.00
C PRO B 66 -17.50 -13.43 5.76
N ALA B 67 -16.67 -14.43 6.09
CA ALA B 67 -17.04 -15.87 6.05
C ALA B 67 -16.11 -16.61 7.00
N THR B 68 -16.50 -17.81 7.45
CA THR B 68 -15.65 -18.66 8.30
C THR B 68 -14.55 -19.23 7.41
N LEU B 69 -13.45 -19.63 8.03
CA LEU B 69 -12.36 -20.40 7.38
C LEU B 69 -12.90 -21.72 6.81
N ASP B 70 -13.82 -22.38 7.51
CA ASP B 70 -14.36 -23.67 7.01
C ASP B 70 -15.05 -23.42 5.67
N GLU B 71 -15.82 -22.34 5.59
CA GLU B 71 -16.53 -22.01 4.34
C GLU B 71 -15.49 -21.70 3.23
N MET B 72 -14.42 -20.97 3.56
CA MET B 72 -13.36 -20.62 2.57
C MET B 72 -12.68 -21.91 2.10
N ALA B 73 -12.35 -22.82 3.03
CA ALA B 73 -11.79 -24.16 2.70
C ALA B 73 -12.73 -24.89 1.72
N ARG B 74 -14.03 -24.85 1.98
CA ARG B 74 -15.07 -25.48 1.13
C ARG B 74 -14.96 -24.91 -0.30
N ILE B 75 -14.99 -23.59 -0.43
CA ILE B 75 -14.93 -22.86 -1.73
C ILE B 75 -13.63 -23.21 -2.45
N ILE B 76 -12.53 -23.30 -1.72
CA ILE B 76 -11.18 -23.52 -2.29
C ILE B 76 -11.11 -24.95 -2.85
N ARG B 77 -11.52 -25.94 -2.06
CA ARG B 77 -11.51 -27.34 -2.56
C ARG B 77 -12.41 -27.45 -3.79
N GLU B 78 -13.58 -26.83 -3.78
CA GLU B 78 -14.54 -26.97 -4.90
C GLU B 78 -13.92 -26.34 -6.14
N GLY B 79 -13.28 -25.18 -6.01
CA GLY B 79 -12.71 -24.48 -7.19
C GLY B 79 -11.55 -25.28 -7.75
N ILE B 80 -10.70 -25.86 -6.89
CA ILE B 80 -9.60 -26.74 -7.35
C ILE B 80 -10.22 -27.85 -8.22
N LYS B 81 -11.26 -28.51 -7.73
CA LYS B 81 -11.93 -29.63 -8.44
C LYS B 81 -12.41 -29.12 -9.79
N LYS B 82 -13.07 -27.97 -9.82
CA LYS B 82 -13.59 -27.34 -11.06
C LYS B 82 -12.43 -27.05 -12.01
N MET B 83 -11.25 -26.68 -11.54
CA MET B 83 -10.14 -26.28 -12.46
C MET B 83 -9.60 -27.52 -13.19
N GLY B 84 -9.50 -28.65 -12.49
CA GLY B 84 -8.95 -29.91 -13.03
C GLY B 84 -7.51 -29.78 -13.46
N CYS B 85 -6.68 -29.04 -12.72
CA CYS B 85 -5.26 -28.85 -13.03
C CYS B 85 -4.56 -28.37 -11.75
N GLU B 86 -3.25 -28.35 -11.69
CA GLU B 86 -2.53 -27.70 -10.56
C GLU B 86 -2.95 -26.21 -10.57
N THR B 87 -3.28 -25.67 -9.41
CA THR B 87 -3.95 -24.36 -9.26
C THR B 87 -3.17 -23.49 -8.28
N MET B 88 -3.07 -22.20 -8.57
CA MET B 88 -2.76 -21.15 -7.54
C MET B 88 -4.05 -20.40 -7.20
N VAL B 89 -4.36 -20.40 -5.90
CA VAL B 89 -5.67 -19.95 -5.32
C VAL B 89 -5.43 -18.76 -4.39
N ARG B 90 -6.11 -17.66 -4.60
CA ARG B 90 -5.98 -16.43 -3.79
C ARG B 90 -7.35 -16.01 -3.31
N PRO B 91 -7.64 -16.32 -2.03
CA PRO B 91 -8.77 -15.71 -1.34
C PRO B 91 -8.41 -14.29 -0.91
N TYR B 92 -9.30 -13.35 -1.21
CA TYR B 92 -9.15 -11.89 -0.93
C TYR B 92 -10.26 -11.50 0.01
N ILE B 93 -9.93 -10.74 1.06
CA ILE B 93 -10.90 -10.11 1.98
C ILE B 93 -10.73 -8.60 1.85
N THR B 94 -11.80 -7.90 1.49
CA THR B 94 -11.80 -6.44 1.18
C THR B 94 -12.27 -5.69 2.42
N GLY B 95 -11.91 -4.41 2.50
CA GLY B 95 -12.38 -3.52 3.56
C GLY B 95 -13.86 -3.33 3.42
N GLY B 96 -14.37 -3.35 2.19
CA GLY B 96 -15.80 -3.08 1.95
C GLY B 96 -16.05 -1.58 1.99
N ASP B 97 -17.31 -1.17 2.10
CA ASP B 97 -17.73 0.21 1.77
C ASP B 97 -17.48 1.17 2.93
N SER B 98 -17.34 0.72 4.17
CA SER B 98 -17.17 1.71 5.25
C SER B 98 -16.33 1.22 6.40
N PHE B 99 -15.63 2.19 7.00
CA PHE B 99 -14.96 2.09 8.33
C PHE B 99 -15.92 2.73 9.35
N GLY B 100 -16.51 1.92 10.24
CA GLY B 100 -17.57 2.35 11.19
C GLY B 100 -17.03 3.24 12.29
N LYS B 101 -17.92 3.77 13.14
CA LYS B 101 -17.56 4.64 14.28
C LYS B 101 -16.86 3.76 15.34
N ASP B 102 -17.08 2.44 15.28
CA ASP B 102 -16.37 1.43 16.12
C ASP B 102 -14.95 1.13 15.58
N HIS B 103 -14.52 1.76 14.48
CA HIS B 103 -13.13 1.58 13.95
C HIS B 103 -12.94 0.12 13.45
N LEU B 104 -13.99 -0.49 12.89
CA LEU B 104 -13.93 -1.83 12.23
C LEU B 104 -14.49 -1.75 10.81
N PHE B 105 -14.01 -2.61 9.92
CA PHE B 105 -14.66 -2.81 8.61
C PHE B 105 -15.61 -3.98 8.80
N SER B 106 -16.92 -3.69 8.85
CA SER B 106 -17.95 -4.68 9.23
C SER B 106 -18.77 -5.09 8.01
N SER B 107 -18.45 -4.58 6.81
CA SER B 107 -19.16 -4.90 5.54
C SER B 107 -18.16 -5.41 4.49
N SER B 108 -17.17 -6.16 4.97
CA SER B 108 -16.12 -6.79 4.14
C SER B 108 -16.75 -7.60 3.02
N ARG B 109 -16.16 -7.57 1.83
CA ARG B 109 -16.48 -8.51 0.73
C ARG B 109 -15.35 -9.52 0.64
N TYR B 110 -15.62 -10.66 0.00
CA TYR B 110 -14.58 -11.70 -0.24
C TYR B 110 -14.76 -12.29 -1.63
N PHE B 111 -13.65 -12.73 -2.19
CA PHE B 111 -13.68 -13.44 -3.47
C PHE B 111 -12.46 -14.32 -3.50
N VAL B 112 -12.48 -15.33 -4.37
CA VAL B 112 -11.33 -16.28 -4.45
C VAL B 112 -11.00 -16.46 -5.91
N ILE B 113 -9.74 -16.21 -6.27
CA ILE B 113 -9.25 -16.34 -7.66
C ILE B 113 -8.62 -17.72 -7.77
N PHE B 114 -8.94 -18.43 -8.86
CA PHE B 114 -8.33 -19.73 -9.21
C PHE B 114 -7.65 -19.59 -10.56
N GLU B 115 -6.35 -19.78 -10.59
CA GLU B 115 -5.57 -19.76 -11.86
C GLU B 115 -4.76 -21.04 -11.96
N GLU B 116 -4.61 -21.51 -13.19
CA GLU B 116 -3.65 -22.58 -13.50
C GLU B 116 -2.26 -22.11 -13.05
N ILE B 117 -1.53 -22.99 -12.38
CA ILE B 117 -0.31 -22.59 -11.64
C ILE B 117 0.75 -22.19 -12.66
N ARG B 118 1.50 -21.11 -12.42
CA ARG B 118 2.63 -20.66 -13.27
C ARG B 118 3.91 -20.77 -12.44
N LYS B 119 4.63 -21.88 -12.53
CA LYS B 119 5.91 -22.10 -11.81
C LYS B 119 6.98 -21.31 -12.55
N PRO B 120 8.00 -20.77 -11.87
CA PRO B 120 9.12 -20.18 -12.60
C PRO B 120 9.70 -21.21 -13.58
N ASP B 121 10.23 -20.70 -14.69
CA ASP B 121 10.80 -21.47 -15.82
C ASP B 121 11.88 -22.40 -15.26
N PRO B 122 11.95 -23.70 -15.64
CA PRO B 122 13.05 -24.56 -15.19
C PRO B 122 14.46 -23.95 -15.28
N ILE B 123 14.73 -23.07 -16.24
CA ILE B 123 16.06 -22.46 -16.44
C ILE B 123 16.43 -21.69 -15.17
N LEU B 124 15.47 -21.03 -14.51
CA LEU B 124 15.70 -20.14 -13.32
C LEU B 124 16.20 -20.97 -12.14
N TYR B 125 15.76 -22.23 -12.02
CA TYR B 125 16.23 -23.14 -10.95
C TYR B 125 17.66 -23.60 -11.24
N GLU B 126 18.00 -23.70 -12.54
CA GLU B 126 19.34 -24.14 -13.05
C GLU B 126 20.37 -23.02 -12.90
N LYS B 127 19.99 -21.79 -13.24
CA LYS B 127 20.87 -20.59 -13.34
C LYS B 127 20.79 -19.74 -12.07
N GLY B 128 19.66 -19.78 -11.38
CA GLY B 128 19.34 -18.91 -10.23
C GLY B 128 18.92 -17.55 -10.73
N VAL B 129 18.57 -16.63 -9.83
CA VAL B 129 18.04 -15.30 -10.23
C VAL B 129 18.82 -14.19 -9.55
N ALA B 130 18.61 -12.96 -10.01
CA ALA B 130 19.16 -11.73 -9.40
C ALA B 130 18.07 -11.00 -8.60
N LEU B 131 18.43 -10.39 -7.47
CA LEU B 131 17.52 -9.52 -6.72
C LEU B 131 18.01 -8.08 -6.77
N HIS B 132 17.10 -7.12 -6.76
CA HIS B 132 17.44 -5.66 -6.66
C HIS B 132 17.20 -5.19 -5.23
N PRO B 133 18.24 -4.80 -4.47
CA PRO B 133 18.06 -4.33 -3.11
C PRO B 133 17.50 -2.90 -3.13
N ILE B 134 16.63 -2.58 -2.19
CA ILE B 134 16.12 -1.20 -2.02
C ILE B 134 16.07 -0.91 -0.53
N ASN B 135 16.23 0.35 -0.17
CA ASN B 135 16.25 0.74 1.25
C ASN B 135 14.79 1.00 1.66
N ALA B 136 14.06 -0.07 1.93
CA ALA B 136 12.63 -0.05 2.28
C ALA B 136 12.30 -1.32 3.07
N GLU B 137 11.10 -1.33 3.59
CA GLU B 137 10.61 -2.31 4.59
C GLU B 137 9.10 -2.46 4.44
N ARG B 138 8.59 -3.65 4.73
CA ARG B 138 7.14 -3.83 4.91
C ARG B 138 6.79 -3.38 6.34
N TYR B 139 5.84 -2.46 6.46
CA TYR B 139 5.26 -2.07 7.78
C TYR B 139 4.23 -3.14 8.19
N LEU B 140 4.13 -3.45 9.47
CA LEU B 140 3.23 -4.50 10.01
C LEU B 140 3.48 -5.80 9.24
N PRO B 141 4.73 -6.29 9.26
CA PRO B 141 5.13 -7.30 8.31
C PRO B 141 4.43 -8.67 8.45
N SER B 142 3.73 -8.97 9.56
CA SER B 142 3.05 -10.29 9.72
C SER B 142 1.68 -10.25 9.04
N THR B 143 1.20 -9.05 8.68
CA THR B 143 -0.03 -8.83 7.91
C THR B 143 0.29 -8.93 6.41
N LYS B 144 -0.40 -9.83 5.68
CA LYS B 144 -0.28 -9.88 4.21
C LYS B 144 -1.42 -9.05 3.62
N SER B 145 -1.17 -7.75 3.45
CA SER B 145 -2.13 -6.82 2.80
C SER B 145 -2.05 -6.98 1.27
N ILE B 146 -2.90 -6.29 0.54
CA ILE B 146 -2.85 -6.30 -0.95
C ILE B 146 -1.78 -5.32 -1.48
N ASN B 147 -1.09 -4.56 -0.63
CA ASN B 147 -0.23 -3.44 -1.11
C ASN B 147 1.12 -4.02 -1.54
N TYR B 148 1.21 -4.29 -2.84
CA TYR B 148 2.45 -4.83 -3.46
C TYR B 148 2.99 -3.78 -4.40
N MET B 149 2.60 -2.51 -4.25
CA MET B 149 2.91 -1.51 -5.31
C MET B 149 4.43 -1.32 -5.41
N LEU B 150 5.14 -1.21 -4.30
CA LEU B 150 6.62 -1.13 -4.22
C LEU B 150 7.29 -2.26 -5.02
N SER B 151 6.70 -3.45 -4.99
CA SER B 151 7.27 -4.66 -5.63
C SER B 151 7.39 -4.42 -7.12
N PHE B 152 6.55 -3.57 -7.70
CA PHE B 152 6.58 -3.26 -9.16
C PHE B 152 7.32 -1.96 -9.38
N THR B 153 6.90 -0.85 -8.76
CA THR B 153 7.38 0.51 -9.11
C THR B 153 8.92 0.54 -8.98
N GLY B 154 9.48 -0.26 -8.06
CA GLY B 154 10.93 -0.39 -7.80
C GLY B 154 11.70 -1.06 -8.94
N GLN B 155 11.01 -1.71 -9.90
CA GLN B 155 11.68 -2.38 -11.03
C GLN B 155 11.98 -1.38 -12.16
N ARG B 156 11.89 -0.06 -11.95
CA ARG B 156 12.29 0.90 -13.02
C ARG B 156 13.82 0.83 -13.23
N ASP B 157 14.60 0.72 -12.15
CA ASP B 157 16.09 0.74 -12.25
C ASP B 157 16.62 -0.57 -11.66
N SER B 158 15.88 -1.67 -11.86
CA SER B 158 16.18 -2.98 -11.20
C SER B 158 16.94 -3.90 -12.18
N LYS B 159 17.29 -3.40 -13.37
CA LYS B 159 18.30 -4.04 -14.26
C LYS B 159 17.90 -5.49 -14.55
N GLY B 160 16.60 -5.77 -14.75
CA GLY B 160 16.09 -7.11 -15.07
C GLY B 160 16.10 -8.09 -13.90
N ALA B 161 16.28 -7.62 -12.67
CA ALA B 161 16.20 -8.47 -11.45
C ALA B 161 14.87 -9.23 -11.41
N TYR B 162 14.88 -10.45 -10.90
CA TYR B 162 13.66 -11.32 -10.82
C TYR B 162 12.69 -10.67 -9.82
N GLU B 163 13.20 -9.98 -8.81
CA GLU B 163 12.40 -9.59 -7.62
C GLU B 163 13.20 -8.54 -6.85
N ILE B 164 12.50 -7.65 -6.17
CA ILE B 164 13.07 -6.67 -5.22
C ILE B 164 13.38 -7.36 -3.88
N LEU B 165 14.42 -6.92 -3.20
CA LEU B 165 14.78 -7.40 -1.85
C LEU B 165 14.73 -6.20 -0.92
N TYR B 166 13.88 -6.25 0.12
CA TYR B 166 13.77 -5.17 1.13
C TYR B 166 15.02 -5.22 2.01
N CYS B 167 15.85 -4.18 1.94
CA CYS B 167 17.15 -4.09 2.65
C CYS B 167 17.22 -2.77 3.41
N PRO B 168 16.31 -2.51 4.38
CA PRO B 168 16.32 -1.25 5.13
C PRO B 168 17.64 -1.08 5.92
N GLU B 169 18.35 0.05 5.74
CA GLU B 169 19.60 0.38 6.52
C GLU B 169 20.66 -0.71 6.29
N GLY B 170 20.66 -1.36 5.12
CA GLY B 170 21.61 -2.45 4.78
C GLY B 170 21.31 -3.78 5.46
N GLU B 171 20.17 -3.92 6.14
CA GLU B 171 19.73 -5.18 6.79
C GLU B 171 18.78 -5.89 5.81
N ILE B 172 19.09 -7.13 5.41
CA ILE B 172 18.19 -7.86 4.48
C ILE B 172 17.03 -8.40 5.31
N VAL B 173 15.79 -8.10 4.95
CA VAL B 173 14.59 -8.63 5.66
C VAL B 173 13.92 -9.73 4.81
N GLU B 174 13.36 -9.39 3.64
CA GLU B 174 12.70 -10.40 2.76
C GLU B 174 12.54 -9.82 1.36
N GLY B 175 12.16 -10.70 0.43
CA GLY B 175 11.80 -10.32 -0.94
C GLY B 175 10.45 -9.61 -0.99
N SER B 176 10.17 -8.96 -2.10
CA SER B 176 8.83 -8.38 -2.34
C SER B 176 7.77 -9.48 -2.37
N HIS B 177 8.13 -10.72 -2.75
CA HIS B 177 7.16 -11.83 -2.92
CA HIS B 177 7.15 -11.83 -2.86
C HIS B 177 7.70 -13.10 -2.22
N SER B 178 8.69 -12.98 -1.34
CA SER B 178 9.47 -14.17 -0.87
C SER B 178 10.06 -13.97 0.50
N THR B 179 10.36 -15.08 1.19
CA THR B 179 11.30 -15.15 2.32
C THR B 179 12.72 -15.27 1.76
N PHE B 180 13.67 -14.58 2.36
CA PHE B 180 15.06 -14.66 1.91
C PHE B 180 15.92 -15.45 2.91
N PHE B 181 16.71 -16.37 2.38
CA PHE B 181 17.68 -17.19 3.14
C PHE B 181 19.09 -16.97 2.59
N LEU B 182 20.06 -16.72 3.48
CA LEU B 182 21.48 -16.72 3.13
C LEU B 182 22.07 -18.02 3.65
N ILE B 183 23.08 -18.51 2.97
CA ILE B 183 23.87 -19.68 3.46
C ILE B 183 25.31 -19.23 3.66
N LYS B 184 25.80 -19.30 4.91
CA LYS B 184 27.16 -18.88 5.35
C LYS B 184 27.69 -19.99 6.28
N ASN B 185 28.89 -20.47 5.98
CA ASN B 185 29.54 -21.62 6.64
C ASN B 185 28.52 -22.73 6.94
N GLY B 186 27.75 -23.14 5.91
CA GLY B 186 26.75 -24.24 5.94
C GLY B 186 25.62 -24.04 6.95
N HIS B 187 25.43 -22.82 7.47
CA HIS B 187 24.26 -22.40 8.30
C HIS B 187 23.27 -21.67 7.40
N LEU B 188 22.00 -21.73 7.73
CA LEU B 188 20.92 -20.89 7.17
C LEU B 188 20.81 -19.64 8.03
N ILE B 189 20.75 -18.48 7.40
CA ILE B 189 20.47 -17.16 8.04
C ILE B 189 19.20 -16.60 7.41
N THR B 190 18.21 -16.23 8.23
CA THR B 190 16.95 -15.64 7.70
C THR B 190 16.36 -14.70 8.75
N ALA B 191 15.69 -13.66 8.32
CA ALA B 191 15.21 -12.61 9.24
C ALA B 191 14.14 -13.19 10.15
N PRO B 192 14.07 -12.69 11.41
CA PRO B 192 13.02 -13.10 12.35
C PRO B 192 11.64 -12.59 11.89
N THR B 193 10.58 -13.19 12.40
CA THR B 193 9.19 -12.85 12.02
C THR B 193 8.77 -11.50 12.63
N SER B 194 9.61 -10.86 13.44
CA SER B 194 9.39 -9.43 13.80
C SER B 194 9.56 -8.55 12.56
N ARG B 195 10.35 -8.96 11.57
CA ARG B 195 10.68 -8.11 10.39
C ARG B 195 10.08 -8.66 9.09
N ALA B 196 9.82 -9.96 9.00
CA ALA B 196 9.39 -10.62 7.75
C ALA B 196 8.06 -11.38 7.95
N LEU B 197 7.33 -11.55 6.88
CA LEU B 197 6.13 -12.40 6.85
C LEU B 197 6.48 -13.79 7.36
N SER B 198 5.63 -14.37 8.18
CA SER B 198 5.78 -15.80 8.62
C SER B 198 5.40 -16.74 7.48
N GLY B 199 6.31 -16.87 6.54
CA GLY B 199 6.16 -17.71 5.35
C GLY B 199 5.77 -19.14 5.71
N THR B 200 4.86 -19.72 4.95
CA THR B 200 4.56 -21.17 5.03
C THR B 200 5.77 -21.95 4.54
N THR B 201 6.41 -21.50 3.47
CA THR B 201 7.57 -22.17 2.87
C THR B 201 8.70 -22.03 3.87
N ARG B 202 8.88 -20.85 4.42
CA ARG B 202 9.88 -20.55 5.47
C ARG B 202 9.71 -21.55 6.63
N GLN B 203 8.47 -21.77 7.05
CA GLN B 203 8.16 -22.68 8.18
C GLN B 203 8.58 -24.10 7.81
N ILE B 204 8.23 -24.59 6.64
CA ILE B 204 8.67 -25.94 6.20
C ILE B 204 10.20 -26.01 6.13
N VAL B 205 10.89 -25.01 5.54
CA VAL B 205 12.37 -25.06 5.39
C VAL B 205 13.02 -25.13 6.79
N LEU B 206 12.51 -24.41 7.79
CA LEU B 206 13.11 -24.48 9.16
C LEU B 206 12.92 -25.89 9.74
N GLU B 207 11.81 -26.56 9.41
CA GLU B 207 11.55 -27.92 9.91
C GLU B 207 12.54 -28.85 9.21
N LEU B 208 12.70 -28.69 7.89
CA LEU B 208 13.67 -29.51 7.15
C LEU B 208 15.08 -29.24 7.71
N ALA B 209 15.41 -28.03 8.12
CA ALA B 209 16.75 -27.74 8.69
C ALA B 209 16.91 -28.48 10.02
N ARG B 210 15.87 -28.48 10.87
CA ARG B 210 15.88 -29.21 12.16
C ARG B 210 16.13 -30.71 11.87
N ARG B 211 15.36 -31.32 10.97
CA ARG B 211 15.54 -32.75 10.57
C ARG B 211 16.94 -33.02 10.04
N GLY B 212 17.54 -32.09 9.32
CA GLY B 212 18.85 -32.30 8.67
C GLY B 212 20.02 -31.87 9.57
N ASN B 213 19.74 -31.37 10.77
CA ASN B 213 20.82 -30.85 11.67
C ASN B 213 21.51 -29.67 11.03
N ILE B 214 20.75 -28.79 10.39
CA ILE B 214 21.33 -27.56 9.78
C ILE B 214 21.03 -26.43 10.71
N GLN B 215 22.07 -25.75 11.18
CA GLN B 215 21.88 -24.58 12.07
C GLN B 215 21.16 -23.46 11.30
N VAL B 216 20.18 -22.86 11.95
CA VAL B 216 19.44 -21.64 11.51
C VAL B 216 19.74 -20.53 12.50
N GLU B 217 20.20 -19.37 12.00
CA GLU B 217 20.22 -18.11 12.78
C GLU B 217 19.09 -17.21 12.26
N GLU B 218 18.16 -16.94 13.17
CA GLU B 218 17.04 -15.99 12.94
C GLU B 218 17.53 -14.58 13.20
N ARG B 219 18.30 -14.02 12.26
CA ARG B 219 18.73 -12.60 12.27
C ARG B 219 18.72 -12.09 10.83
N CYS B 220 18.69 -10.77 10.63
CA CYS B 220 18.75 -10.19 9.28
C CYS B 220 20.17 -10.40 8.79
N PRO B 221 20.39 -11.10 7.63
CA PRO B 221 21.71 -11.11 7.03
C PRO B 221 21.97 -9.66 6.61
N LEU B 222 23.24 -9.24 6.53
CA LEU B 222 23.65 -7.87 6.10
C LEU B 222 24.15 -7.89 4.65
N LEU B 223 23.82 -6.86 3.88
CA LEU B 223 24.43 -6.62 2.55
C LEU B 223 25.96 -6.77 2.65
N THR B 224 26.57 -6.41 3.77
CA THR B 224 28.07 -6.41 3.88
C THR B 224 28.56 -7.83 4.16
N GLU B 225 27.72 -8.75 4.60
CA GLU B 225 28.14 -10.17 4.76
C GLU B 225 28.07 -10.91 3.41
N LEU B 226 27.43 -10.35 2.39
CA LEU B 226 27.19 -11.12 1.13
C LEU B 226 28.51 -11.63 0.51
N PRO B 227 29.62 -10.86 0.49
CA PRO B 227 30.86 -11.36 -0.11
C PRO B 227 31.42 -12.64 0.55
N GLU B 228 31.07 -12.94 1.81
CA GLU B 228 31.53 -14.17 2.53
C GLU B 228 30.47 -15.27 2.42
N ALA B 229 29.33 -15.04 1.78
CA ALA B 229 28.28 -16.07 1.71
C ALA B 229 28.63 -17.10 0.65
N GLU B 230 28.21 -18.35 0.85
CA GLU B 230 28.32 -19.44 -0.19
C GLU B 230 27.08 -19.46 -1.09
N GLU B 231 25.87 -19.31 -0.53
CA GLU B 231 24.62 -19.43 -1.33
C GLU B 231 23.54 -18.52 -0.76
N ALA B 232 22.46 -18.37 -1.51
CA ALA B 232 21.26 -17.65 -1.11
C ALA B 232 20.09 -18.22 -1.93
N PHE B 233 18.89 -18.12 -1.39
CA PHE B 233 17.68 -18.52 -2.13
C PHE B 233 16.50 -17.79 -1.51
N ILE B 234 15.43 -17.74 -2.28
CA ILE B 234 14.14 -17.20 -1.79
C ILE B 234 13.06 -18.29 -1.83
N THR B 235 12.05 -18.17 -0.95
CA THR B 235 10.98 -19.17 -0.80
C THR B 235 9.61 -18.51 -0.92
N GLY B 236 8.68 -19.26 -1.50
CA GLY B 236 7.28 -18.89 -1.67
C GLY B 236 6.49 -20.09 -2.13
N THR B 237 5.18 -20.12 -1.89
CA THR B 237 4.37 -21.35 -2.13
C THR B 237 4.49 -21.79 -3.60
N VAL B 238 4.51 -20.85 -4.53
CA VAL B 238 4.60 -21.23 -5.98
C VAL B 238 6.04 -21.51 -6.35
N LYS B 239 6.95 -20.64 -5.98
CA LYS B 239 8.36 -20.71 -6.46
C LYS B 239 9.14 -21.83 -5.78
N GLU B 240 8.66 -22.36 -4.67
CA GLU B 240 9.37 -23.38 -3.84
C GLU B 240 10.62 -22.75 -3.26
N LEU B 241 11.80 -23.29 -3.60
CA LEU B 241 13.11 -22.72 -3.27
C LEU B 241 13.75 -22.33 -4.60
N LEU B 242 14.02 -21.03 -4.80
CA LEU B 242 14.60 -20.48 -6.02
C LEU B 242 15.97 -19.89 -5.70
N PRO B 243 17.08 -20.41 -6.27
CA PRO B 243 18.40 -19.91 -5.91
C PRO B 243 18.59 -18.47 -6.34
N VAL B 244 19.29 -17.71 -5.50
CA VAL B 244 19.72 -16.31 -5.76
C VAL B 244 21.24 -16.29 -5.97
N VAL B 245 21.68 -15.86 -7.14
CA VAL B 245 23.13 -15.87 -7.52
C VAL B 245 23.67 -14.44 -7.58
N ARG B 246 22.83 -13.43 -7.42
CA ARG B 246 23.27 -12.02 -7.50
C ARG B 246 22.26 -11.17 -6.72
N ILE B 247 22.78 -10.27 -5.90
CA ILE B 247 21.98 -9.26 -5.17
C ILE B 247 22.63 -7.92 -5.53
N GLY B 248 21.93 -7.08 -6.28
CA GLY B 248 22.48 -5.81 -6.78
C GLY B 248 23.63 -6.07 -7.72
N ASP B 249 24.83 -5.58 -7.41
CA ASP B 249 26.07 -5.81 -8.19
C ASP B 249 26.90 -6.92 -7.52
N GLN B 250 26.41 -7.55 -6.45
CA GLN B 250 27.24 -8.50 -5.66
C GLN B 250 26.89 -9.93 -6.08
N ILE B 251 27.84 -10.63 -6.65
CA ILE B 251 27.68 -12.07 -6.99
C ILE B 251 27.68 -12.87 -5.69
N ILE B 252 26.81 -13.88 -5.61
CA ILE B 252 26.74 -14.79 -4.43
C ILE B 252 27.59 -16.02 -4.75
N GLY B 253 28.60 -16.29 -3.91
CA GLY B 253 29.48 -17.46 -4.02
C GLY B 253 30.14 -17.46 -5.39
N ASN B 254 30.04 -18.56 -6.16
CA ASN B 254 30.68 -18.48 -7.53
CA ASN B 254 30.59 -18.79 -7.52
C ASN B 254 29.59 -18.34 -8.60
N GLY B 255 28.47 -17.71 -8.25
CA GLY B 255 27.49 -17.19 -9.22
C GLY B 255 26.55 -18.25 -9.79
N VAL B 256 26.53 -19.48 -9.27
CA VAL B 256 25.56 -20.53 -9.71
C VAL B 256 24.89 -21.08 -8.46
N PRO B 257 23.74 -21.78 -8.57
CA PRO B 257 23.10 -22.38 -7.41
C PRO B 257 24.08 -23.32 -6.69
N GLY B 258 24.03 -23.34 -5.36
CA GLY B 258 24.92 -24.15 -4.50
C GLY B 258 24.28 -25.46 -4.09
N LYS B 259 25.08 -26.27 -3.43
CA LYS B 259 24.81 -27.69 -3.08
C LYS B 259 23.76 -27.71 -1.99
N LEU B 260 23.84 -26.82 -0.97
CA LEU B 260 22.84 -26.89 0.14
C LEU B 260 21.44 -26.46 -0.36
N THR B 261 21.36 -25.41 -1.20
CA THR B 261 20.09 -24.95 -1.81
C THR B 261 19.45 -26.15 -2.54
N LYS B 262 20.19 -26.80 -3.43
CA LYS B 262 19.66 -27.88 -4.31
C LYS B 262 19.22 -29.07 -3.44
N HIS B 263 19.95 -29.33 -2.36
CA HIS B 263 19.64 -30.44 -1.42
C HIS B 263 18.32 -30.09 -0.70
N LEU B 264 18.16 -28.87 -0.19
CA LEU B 264 16.94 -28.50 0.54
C LEU B 264 15.73 -28.54 -0.40
N HIS B 265 15.92 -28.15 -1.66
CA HIS B 265 14.82 -28.15 -2.65
C HIS B 265 14.35 -29.60 -2.86
N GLN B 266 15.29 -30.56 -2.97
CA GLN B 266 14.97 -32.00 -3.17
C GLN B 266 14.24 -32.53 -1.93
N VAL B 267 14.70 -32.18 -0.74
CA VAL B 267 14.01 -32.67 0.49
C VAL B 267 12.63 -32.04 0.55
N TYR B 268 12.51 -30.77 0.16
CA TYR B 268 11.24 -30.03 0.16
C TYR B 268 10.25 -30.86 -0.67
N LEU B 269 10.59 -31.12 -1.93
CA LEU B 269 9.72 -31.85 -2.88
C LEU B 269 9.38 -33.27 -2.36
N SER B 270 10.31 -33.97 -1.70
CA SER B 270 10.09 -35.31 -1.10
C SER B 270 9.18 -35.21 0.12
N SER B 271 9.14 -34.08 0.83
CA SER B 271 8.55 -34.03 2.19
C SER B 271 7.15 -33.40 2.18
N ILE B 272 6.85 -32.66 1.11
CA ILE B 272 5.67 -31.74 1.20
C ILE B 272 4.37 -32.54 1.23
N VAL B 273 4.34 -33.82 0.85
CA VAL B 273 3.14 -34.69 0.99
C VAL B 273 2.58 -34.58 2.43
N GLU B 274 3.47 -34.51 3.44
CA GLU B 274 3.04 -34.37 4.86
C GLU B 274 2.09 -33.18 5.06
N TRP B 275 2.24 -32.09 4.31
CA TRP B 275 1.44 -30.87 4.59
C TRP B 275 0.39 -30.64 3.49
N LEU B 276 0.16 -31.61 2.60
CA LEU B 276 -0.99 -31.49 1.63
C LEU B 276 -2.28 -31.74 2.41
N GLU B 277 -3.33 -30.99 2.11
CA GLU B 277 -4.65 -31.11 2.76
C GLU B 277 -5.66 -31.51 1.68
N1 LCS C . -0.64 14.20 2.42
C2 LCS C . -1.42 13.12 2.35
C2A LCS C . -0.80 11.78 2.69
C3 LCS C . -2.75 13.21 1.99
O3 LCS C . -3.54 12.10 1.99
C4 LCS C . -3.31 14.46 1.67
C4A LCS C . -4.75 14.55 1.24
C5 LCS C . -2.48 15.59 1.73
C6 LCS C . -1.17 15.40 2.11
C5A LCS C . -2.96 16.97 1.39
O4P LCS C . -2.84 17.24 -0.04
P LCS C . -3.78 18.36 -0.78
O1P LCS C . -3.37 19.73 -0.22
O2P LCS C . -5.21 17.98 -0.42
O3P LCS C . -3.39 18.19 -2.21
N LCS C . -5.70 15.20 2.17
CA LCS C . -6.95 15.38 1.79
C LCS C . -7.95 16.18 2.34
O LCS C . -8.07 16.65 3.46
ND LCS C . -8.85 16.40 1.35
OG LCS C . -8.37 15.87 0.13
CB LCS C . -7.59 14.78 0.59
N1 PMP D . -0.33 14.44 2.38
C2 PMP D . -0.84 13.32 1.87
C2A PMP D . -0.09 12.03 2.05
C3 PMP D . -2.07 13.35 1.20
O3 PMP D . -2.58 12.20 0.71
C4 PMP D . -2.75 14.56 1.03
C4A PMP D . -4.08 14.60 0.32
N4A PMP D . -5.03 15.51 0.97
C5 PMP D . -2.19 15.72 1.58
C6 PMP D . -0.98 15.60 2.21
C5A PMP D . -2.85 17.05 1.42
O4P PMP D . -2.74 17.41 0.01
P PMP D . -3.73 18.47 -0.75
O1P PMP D . -2.91 18.90 -1.94
O2P PMP D . -3.96 19.60 0.27
O3P PMP D . -4.98 17.67 -1.09
C6 M7L E . 6.97 -14.00 1.74
C2 M7L E . 6.02 -12.01 1.07
C5 M7L E . 6.15 -14.76 0.91
C4A M7L E . 4.30 -14.87 -0.84
C4 M7L E . 5.21 -14.09 0.11
C3 M7L E . 5.17 -12.68 0.20
C2A M7L E . 5.98 -10.52 1.22
N1 M7L E . 6.92 -12.66 1.79
O3 M7L E . 4.31 -11.96 -0.56
N M7L E . 4.86 -15.70 -1.94
C5A M7L E . 6.26 -16.25 0.91
O4P M7L E . 5.22 -16.82 1.76
P M7L E . 4.78 -18.32 1.48
O2P M7L E . 4.10 -18.36 0.12
O1P M7L E . 6.02 -19.14 1.62
O3P M7L E . 3.78 -18.56 2.62
CA M7L E . 4.18 -16.19 -3.07
C M7L E . 4.58 -17.18 -4.05
CB M7L E . 2.83 -15.54 -3.33
O M7L E . 5.77 -17.58 -4.48
OXT M7L E . 3.56 -17.70 -4.52
OG M7L E . 2.93 -14.12 -3.59
ND M7L E . 1.68 -13.44 -3.26
N1 PMP F . 6.72 -12.46 1.72
C2 PMP F . 5.91 -11.92 0.82
C2A PMP F . 5.90 -10.43 0.66
C3 PMP F . 5.07 -12.72 0.03
O3 PMP F . 4.25 -12.15 -0.89
C4 PMP F . 5.10 -14.11 0.19
C4A PMP F . 4.22 -15.02 -0.64
N4A PMP F . 4.90 -16.25 -1.06
C5 PMP F . 5.97 -14.66 1.15
C6 PMP F . 6.75 -13.79 1.88
C5A PMP F . 6.03 -16.14 1.36
O4P PMP F . 4.68 -16.67 1.46
P PMP F . 4.39 -18.24 1.30
O1P PMP F . 5.74 -18.91 1.46
O2P PMP F . 3.41 -18.59 2.40
O3P PMP F . 3.80 -18.43 -0.09
#